data_6WCY
#
_entry.id   6WCY
#
_cell.length_a   50.811
_cell.length_b   51.872
_cell.length_c   113.991
_cell.angle_alpha   90.000
_cell.angle_beta   90.000
_cell.angle_gamma   90.000
#
_symmetry.space_group_name_H-M   'P 21 21 21'
#
loop_
_entity.id
_entity.type
_entity.pdbx_description
1 polymer 'Gamma-crystallin D'
2 non-polymer 'SULFATE ION'
3 water water
#
_entity_poly.entity_id   1
_entity_poly.type   'polypeptide(L)'
_entity_poly.pdbx_seq_one_letter_code
;GKITLYEDRGFQGRHYECSSDHPNLQPYLSRCNSARVDSGCWMLYEQPNYSGLQYFLRRGDYADHQQWMGLSDSVRSCRL
IPHSGSHRIRLYEREDYRGQMIEFTEDCSCLQDRFRFNEIHSLNVLEGSWVLYELSNYRGRQYLLMPGDYRRYQDWGATD
ARVGSLRRVIDFS
;
_entity_poly.pdbx_strand_id   A,B
#
loop_
_chem_comp.id
_chem_comp.type
_chem_comp.name
_chem_comp.formula
SO4 non-polymer 'SULFATE ION' 'O4 S -2'
#
# COMPACT_ATOMS: atom_id res chain seq x y z
N GLY A 1 -29.73 -9.76 3.57
CA GLY A 1 -28.36 -10.31 3.59
C GLY A 1 -28.03 -10.77 4.98
N LYS A 2 -27.02 -11.64 5.07
CA LYS A 2 -26.57 -12.19 6.34
C LYS A 2 -25.11 -12.56 6.20
N ILE A 3 -24.28 -12.03 7.10
CA ILE A 3 -22.88 -12.39 7.20
C ILE A 3 -22.58 -12.69 8.66
N THR A 4 -21.69 -13.64 8.89
CA THR A 4 -21.15 -13.93 10.21
C THR A 4 -19.65 -13.74 10.13
N LEU A 5 -19.12 -12.96 11.06
CA LEU A 5 -17.71 -12.60 11.12
C LEU A 5 -17.12 -13.23 12.37
N TYR A 6 -15.96 -13.85 12.23
CA TYR A 6 -15.34 -14.63 13.28
C TYR A 6 -13.96 -14.06 13.60
N GLU A 7 -13.58 -14.08 14.87
CA GLU A 7 -12.26 -13.55 15.23
C GLU A 7 -11.13 -14.40 14.67
N ASP A 8 -11.26 -15.71 14.72
CA ASP A 8 -10.16 -16.61 14.40
C ASP A 8 -10.38 -17.29 13.07
N ARG A 9 -9.32 -17.84 12.51
CA ARG A 9 -9.43 -18.49 11.22
C ARG A 9 -10.26 -19.75 11.31
N GLY A 10 -10.82 -20.14 10.19
CA GLY A 10 -11.59 -21.39 10.19
C GLY A 10 -12.90 -21.33 10.95
N PHE A 11 -13.48 -20.14 11.08
CA PHE A 11 -14.81 -19.94 11.65
C PHE A 11 -14.83 -20.26 13.13
N GLN A 12 -13.70 -20.07 13.79
CA GLN A 12 -13.61 -20.36 15.21
C GLN A 12 -13.58 -19.06 16.01
N GLY A 13 -13.88 -19.20 17.30
CA GLY A 13 -13.82 -18.09 18.20
C GLY A 13 -15.07 -17.22 18.21
N ARG A 14 -14.95 -16.12 18.93
CA ARG A 14 -16.03 -15.17 19.06
C ARG A 14 -16.47 -14.70 17.69
N HIS A 15 -17.77 -14.53 17.53
CA HIS A 15 -18.33 -14.13 16.25
C HIS A 15 -19.50 -13.18 16.45
N TYR A 16 -19.88 -12.55 15.35
CA TYR A 16 -20.94 -11.56 15.31
C TYR A 16 -21.65 -11.69 13.97
N GLU A 17 -22.96 -11.68 14.00
CA GLU A 17 -23.82 -11.81 12.81
C GLU A 17 -24.44 -10.46 12.48
N CYS A 18 -24.35 -10.07 11.20
CA CYS A 18 -24.89 -8.80 10.70
C CYS A 18 -25.91 -9.07 9.60
N SER A 19 -27.00 -8.31 9.60
CA SER A 19 -27.97 -8.31 8.52
C SER A 19 -28.19 -6.91 7.95
N SER A 20 -27.34 -5.97 8.34
CA SER A 20 -27.48 -4.54 8.07
C SER A 20 -26.07 -3.96 8.17
N ASP A 21 -25.93 -2.72 7.70
CA ASP A 21 -24.66 -2.02 7.89
C ASP A 21 -24.32 -1.89 9.35
N HIS A 22 -23.04 -2.07 9.69
CA HIS A 22 -22.56 -1.82 11.06
C HIS A 22 -21.32 -0.93 10.97
N PRO A 23 -21.38 0.28 11.53
CA PRO A 23 -20.25 1.20 11.37
C PRO A 23 -19.13 1.01 12.38
N ASN A 24 -19.32 0.22 13.45
CA ASN A 24 -18.26 0.04 14.44
C ASN A 24 -18.39 -1.35 15.05
N LEU A 25 -17.56 -2.27 14.60
CA LEU A 25 -17.58 -3.64 15.08
C LEU A 25 -16.72 -3.85 16.32
N GLN A 26 -16.00 -2.84 16.80
CA GLN A 26 -15.11 -3.05 17.96
C GLN A 26 -15.81 -3.65 19.17
N PRO A 27 -17.05 -3.28 19.51
CA PRO A 27 -17.69 -3.90 20.68
C PRO A 27 -17.92 -5.39 20.54
N TYR A 28 -17.85 -5.93 19.33
CA TYR A 28 -18.25 -7.30 19.05
C TYR A 28 -17.10 -8.19 18.61
N LEU A 29 -16.01 -7.61 18.11
CA LEU A 29 -14.90 -8.36 17.55
C LEU A 29 -13.60 -7.64 17.81
N SER A 30 -12.61 -8.36 18.31
CA SER A 30 -11.28 -7.78 18.51
C SER A 30 -10.41 -7.88 17.28
N ARG A 31 -10.82 -8.66 16.28
CA ARG A 31 -10.09 -8.93 15.04
C ARG A 31 -11.11 -9.71 14.21
N CYS A 32 -10.79 -9.94 12.94
CA CYS A 32 -11.66 -10.75 12.11
C CYS A 32 -10.81 -11.54 11.13
N ASN A 33 -10.78 -12.85 11.29
CA ASN A 33 -9.95 -13.69 10.45
C ASN A 33 -10.71 -14.79 9.73
N SER A 34 -12.05 -14.75 9.72
CA SER A 34 -12.83 -15.59 8.83
C SER A 34 -14.25 -15.04 8.76
N ALA A 35 -14.97 -15.43 7.71
CA ALA A 35 -16.31 -14.92 7.46
C ALA A 35 -17.11 -15.95 6.70
N ARG A 36 -18.38 -16.07 7.05
CA ARG A 36 -19.36 -16.87 6.30
C ARG A 36 -20.44 -15.92 5.80
N VAL A 37 -20.52 -15.74 4.49
CA VAL A 37 -21.57 -14.94 3.89
C VAL A 37 -22.70 -15.88 3.49
N ASP A 38 -23.78 -15.84 4.25
CA ASP A 38 -24.92 -16.66 3.91
C ASP A 38 -25.71 -16.10 2.73
N SER A 39 -25.79 -14.78 2.63
CA SER A 39 -26.53 -14.16 1.55
C SER A 39 -26.13 -12.71 1.48
N GLY A 40 -26.31 -12.14 0.29
CA GLY A 40 -26.00 -10.75 0.06
C GLY A 40 -24.57 -10.50 -0.39
N CYS A 41 -24.35 -9.27 -0.81
CA CYS A 41 -23.05 -8.75 -1.18
C CYS A 41 -22.60 -7.75 -0.14
N TRP A 42 -21.36 -7.90 0.30
CA TRP A 42 -20.89 -7.14 1.45
C TRP A 42 -19.56 -6.48 1.13
N MET A 43 -19.35 -5.32 1.74
CA MET A 43 -18.04 -4.68 1.74
C MET A 43 -17.56 -4.64 3.18
N LEU A 44 -16.38 -5.18 3.42
CA LEU A 44 -15.70 -5.09 4.71
C LEU A 44 -14.71 -3.94 4.66
N TYR A 45 -14.57 -3.25 5.78
CA TYR A 45 -13.66 -2.14 5.89
C TYR A 45 -12.72 -2.31 7.07
N GLU A 46 -11.49 -1.85 6.88
CA GLU A 46 -10.44 -1.98 7.86
C GLU A 46 -10.72 -1.12 9.09
N GLN A 47 -11.32 0.04 8.89
CA GLN A 47 -11.55 1.01 9.96
C GLN A 47 -13.03 1.25 10.17
N PRO A 48 -13.40 1.86 11.31
CA PRO A 48 -14.83 2.17 11.50
C PRO A 48 -15.34 3.22 10.53
N ASN A 49 -16.65 3.32 10.47
CA ASN A 49 -17.31 4.26 9.58
C ASN A 49 -16.91 4.14 8.14
N TYR A 50 -16.86 2.91 7.69
CA TYR A 50 -16.64 2.54 6.30
C TYR A 50 -15.41 3.22 5.68
N SER A 51 -14.29 3.07 6.36
CA SER A 51 -13.06 3.78 6.03
CA SER A 51 -13.08 3.76 5.95
C SER A 51 -11.90 2.79 5.94
N GLY A 52 -10.81 3.26 5.35
CA GLY A 52 -9.64 2.43 5.21
C GLY A 52 -9.77 1.46 4.05
N LEU A 53 -8.94 0.44 4.09
CA LEU A 53 -8.97 -0.57 3.03
C LEU A 53 -10.31 -1.28 2.99
N GLN A 54 -10.77 -1.57 1.78
CA GLN A 54 -12.09 -2.15 1.54
C GLN A 54 -11.94 -3.51 0.86
N TYR A 55 -12.87 -4.42 1.17
CA TYR A 55 -12.87 -5.74 0.54
C TYR A 55 -14.27 -6.19 0.25
N PHE A 56 -14.47 -6.64 -0.98
CA PHE A 56 -15.75 -7.14 -1.42
C PHE A 56 -15.85 -8.64 -1.18
N LEU A 57 -16.96 -9.06 -0.57
CA LEU A 57 -17.26 -10.46 -0.33
C LEU A 57 -18.67 -10.79 -0.80
N ARG A 58 -18.85 -11.99 -1.32
CA ARG A 58 -20.21 -12.44 -1.61
C ARG A 58 -20.41 -13.85 -1.07
N ARG A 59 -21.56 -14.44 -1.38
CA ARG A 59 -21.94 -15.70 -0.79
C ARG A 59 -20.80 -16.70 -0.79
N GLY A 60 -20.58 -17.30 0.37
CA GLY A 60 -19.53 -18.27 0.47
C GLY A 60 -18.75 -18.14 1.76
N ASP A 61 -17.76 -18.98 1.88
CA ASP A 61 -16.98 -19.13 3.10
C ASP A 61 -15.57 -18.62 2.87
N TYR A 62 -15.08 -17.81 3.80
CA TYR A 62 -13.75 -17.24 3.75
C TYR A 62 -13.02 -17.68 5.03
N ALA A 63 -12.14 -18.69 4.92
CA ALA A 63 -11.57 -19.32 6.10
C ALA A 63 -10.42 -18.52 6.72
N ASP A 64 -9.88 -17.54 6.01
CA ASP A 64 -8.84 -16.66 6.55
C ASP A 64 -8.93 -15.34 5.79
N HIS A 65 -8.34 -14.30 6.35
CA HIS A 65 -8.47 -12.97 5.76
C HIS A 65 -7.93 -12.93 4.33
N GLN A 66 -6.94 -13.74 4.00
CA GLN A 66 -6.40 -13.74 2.65
C GLN A 66 -7.44 -14.17 1.62
N GLN A 67 -8.43 -14.95 2.04
CA GLN A 67 -9.46 -15.40 1.09
C GLN A 67 -10.33 -14.26 0.58
N TRP A 68 -10.43 -13.14 1.30
CA TRP A 68 -11.10 -11.97 0.76
C TRP A 68 -10.12 -10.93 0.24
N MET A 69 -8.87 -11.34 0.02
CA MET A 69 -7.80 -10.46 -0.42
C MET A 69 -7.39 -9.49 0.68
N GLY A 70 -7.74 -9.79 1.92
CA GLY A 70 -7.38 -8.90 3.00
C GLY A 70 -5.88 -8.90 3.23
N LEU A 71 -5.39 -7.77 3.74
CA LEU A 71 -3.98 -7.67 4.05
C LEU A 71 -3.74 -7.88 5.54
N SER A 72 -4.79 -7.88 6.34
CA SER A 72 -4.73 -8.04 7.77
C SER A 72 -6.06 -8.61 8.25
N ASP A 73 -6.13 -8.89 9.54
CA ASP A 73 -7.36 -9.27 10.21
C ASP A 73 -8.11 -8.09 10.79
N SER A 74 -7.93 -6.89 10.23
CA SER A 74 -8.66 -5.72 10.70
CA SER A 74 -8.73 -5.70 10.78
C SER A 74 -9.96 -5.62 9.91
N VAL A 75 -11.09 -5.80 10.59
CA VAL A 75 -12.40 -5.55 10.01
C VAL A 75 -13.19 -4.78 11.08
N ARG A 76 -13.43 -3.50 10.86
CA ARG A 76 -14.06 -2.66 11.87
C ARG A 76 -15.40 -2.08 11.45
N SER A 77 -15.82 -2.25 10.20
CA SER A 77 -17.18 -1.93 9.79
C SER A 77 -17.52 -2.76 8.57
N CYS A 78 -18.82 -2.84 8.27
CA CYS A 78 -19.26 -3.65 7.13
C CYS A 78 -20.55 -3.06 6.59
N ARG A 79 -20.72 -3.18 5.28
CA ARG A 79 -21.85 -2.64 4.55
C ARG A 79 -22.48 -3.70 3.68
N LEU A 80 -23.81 -3.74 3.70
CA LEU A 80 -24.61 -4.57 2.82
C LEU A 80 -24.93 -3.77 1.55
N ILE A 81 -24.51 -4.29 0.42
CA ILE A 81 -24.63 -3.62 -0.89
C ILE A 81 -25.90 -4.09 -1.55
N PRO A 82 -26.85 -3.19 -1.93
CA PRO A 82 -28.08 -3.65 -2.57
C PRO A 82 -27.84 -4.30 -3.93
N HIS A 83 -28.67 -5.30 -4.23
CA HIS A 83 -28.62 -5.92 -5.55
C HIS A 83 -29.18 -4.98 -6.61
N SER A 84 -28.69 -5.14 -7.83
CA SER A 84 -29.24 -4.43 -8.98
C SER A 84 -29.21 -5.34 -10.19
N GLY A 85 -30.24 -5.23 -11.03
CA GLY A 85 -30.33 -6.05 -12.22
C GLY A 85 -29.70 -5.42 -13.43
N SER A 86 -29.31 -4.15 -13.30
CA SER A 86 -28.67 -3.41 -14.36
C SER A 86 -27.58 -2.53 -13.76
N HIS A 87 -26.61 -2.18 -14.59
CA HIS A 87 -25.45 -1.42 -14.15
C HIS A 87 -25.05 -0.42 -15.22
N ARG A 88 -24.74 0.80 -14.79
CA ARG A 88 -24.31 1.85 -15.73
C ARG A 88 -23.47 2.86 -14.97
N ILE A 89 -22.30 3.18 -15.51
CA ILE A 89 -21.37 4.10 -14.85
C ILE A 89 -20.68 4.93 -15.93
N ARG A 90 -20.43 6.20 -15.61
CA ARG A 90 -19.70 7.12 -16.48
C ARG A 90 -18.43 7.52 -15.77
N LEU A 91 -17.31 7.34 -16.44
CA LEU A 91 -15.99 7.66 -15.92
C LEU A 91 -15.42 8.84 -16.67
N TYR A 92 -14.77 9.74 -15.94
CA TYR A 92 -14.24 10.97 -16.52
C TYR A 92 -12.76 11.16 -16.24
N GLU A 93 -12.08 11.69 -17.25
CA GLU A 93 -10.67 12.02 -17.20
C GLU A 93 -10.34 13.06 -16.15
N ARG A 94 -11.18 14.08 -16.00
CA ARG A 94 -10.92 15.21 -15.11
C ARG A 94 -11.98 15.29 -14.02
N GLU A 95 -11.67 16.05 -12.98
CA GLU A 95 -12.62 16.25 -11.90
C GLU A 95 -13.87 16.97 -12.40
N ASP A 96 -14.96 16.83 -11.67
CA ASP A 96 -16.18 17.58 -11.95
C ASP A 96 -16.75 17.24 -13.34
N TYR A 97 -16.59 15.98 -13.76
CA TYR A 97 -17.27 15.46 -14.96
C TYR A 97 -16.79 16.12 -16.24
N ARG A 98 -15.50 16.39 -16.30
CA ARG A 98 -14.89 17.03 -17.47
C ARG A 98 -13.89 16.06 -18.12
N GLY A 99 -13.41 16.46 -19.29
CA GLY A 99 -12.47 15.65 -20.04
C GLY A 99 -13.16 14.49 -20.74
N GLN A 100 -12.34 13.50 -21.13
CA GLN A 100 -12.89 12.33 -21.79
C GLN A 100 -13.85 11.60 -20.86
N MET A 101 -15.00 11.20 -21.41
CA MET A 101 -15.94 10.34 -20.70
C MET A 101 -16.08 9.02 -21.45
N ILE A 102 -16.14 7.93 -20.69
CA ILE A 102 -16.54 6.62 -21.21
C ILE A 102 -17.60 6.05 -20.29
N GLU A 103 -18.61 5.44 -20.88
CA GLU A 103 -19.69 4.80 -20.15
C GLU A 103 -19.55 3.28 -20.24
N PHE A 104 -19.72 2.60 -19.10
CA PHE A 104 -19.68 1.14 -19.03
C PHE A 104 -21.00 0.60 -18.49
N THR A 105 -21.46 -0.51 -19.06
CA THR A 105 -22.57 -1.29 -18.51
C THR A 105 -22.13 -2.72 -18.18
N GLU A 106 -20.85 -3.03 -18.41
CA GLU A 106 -20.30 -4.36 -18.19
C GLU A 106 -18.95 -4.21 -17.51
N ASP A 107 -18.40 -5.34 -17.06
CA ASP A 107 -17.12 -5.35 -16.37
C ASP A 107 -15.99 -4.98 -17.34
N CYS A 108 -14.90 -4.48 -16.77
CA CYS A 108 -13.71 -4.16 -17.55
C CYS A 108 -12.44 -4.51 -16.76
N SER A 109 -11.73 -5.52 -17.20
CA SER A 109 -10.52 -6.02 -16.58
C SER A 109 -9.28 -5.20 -16.87
N CYS A 110 -9.32 -4.31 -17.87
CA CYS A 110 -8.20 -3.41 -18.15
C CYS A 110 -8.80 -2.10 -18.63
N LEU A 111 -8.91 -1.14 -17.71
CA LEU A 111 -9.57 0.11 -18.02
C LEU A 111 -8.88 0.82 -19.18
N GLN A 112 -7.56 0.73 -19.22
CA GLN A 112 -6.75 1.48 -20.19
C GLN A 112 -6.94 1.02 -21.61
N ASP A 113 -7.61 -0.10 -21.85
CA ASP A 113 -7.86 -0.52 -23.22
C ASP A 113 -8.58 0.57 -24.01
N ARG A 114 -9.69 1.05 -23.48
CA ARG A 114 -10.53 2.04 -24.17
C ARG A 114 -10.44 3.41 -23.53
N PHE A 115 -10.40 3.45 -22.20
CA PHE A 115 -10.27 4.70 -21.46
C PHE A 115 -8.77 4.90 -21.28
N ARG A 116 -8.18 5.65 -22.19
CA ARG A 116 -6.73 5.67 -22.36
C ARG A 116 -6.07 6.67 -21.39
N PHE A 117 -6.34 6.50 -20.10
CA PHE A 117 -5.73 7.30 -19.06
C PHE A 117 -5.48 6.37 -17.90
N ASN A 118 -4.52 6.71 -17.05
CA ASN A 118 -4.19 5.80 -15.98
C ASN A 118 -4.95 6.15 -14.71
N GLU A 119 -5.68 7.25 -14.74
CA GLU A 119 -6.45 7.73 -13.61
C GLU A 119 -7.87 8.10 -14.00
N ILE A 120 -8.79 7.94 -13.07
CA ILE A 120 -10.16 8.41 -13.20
C ILE A 120 -10.30 9.53 -12.17
N HIS A 121 -10.73 10.72 -12.60
CA HIS A 121 -10.79 11.83 -11.66
C HIS A 121 -12.20 12.22 -11.22
N SER A 122 -13.24 11.69 -11.86
CA SER A 122 -14.61 11.82 -11.36
C SER A 122 -15.42 10.76 -12.07
N LEU A 123 -16.60 10.46 -11.53
CA LEU A 123 -17.45 9.45 -12.12
C LEU A 123 -18.86 9.63 -11.62
N ASN A 124 -19.81 9.09 -12.38
CA ASN A 124 -21.22 9.14 -12.05
C ASN A 124 -21.78 7.73 -12.12
N VAL A 125 -22.27 7.23 -10.98
CA VAL A 125 -22.87 5.90 -10.92
C VAL A 125 -24.36 6.07 -11.16
N LEU A 126 -24.82 5.70 -12.35
CA LEU A 126 -26.21 5.86 -12.74
C LEU A 126 -27.07 4.68 -12.32
N GLU A 127 -26.52 3.47 -12.37
CA GLU A 127 -27.28 2.29 -12.00
C GLU A 127 -26.35 1.26 -11.40
N GLY A 128 -26.81 0.65 -10.31
CA GLY A 128 -26.08 -0.46 -9.70
C GLY A 128 -24.88 0.01 -8.90
N SER A 129 -24.28 -0.96 -8.21
CA SER A 129 -23.05 -0.72 -7.48
C SER A 129 -21.89 -1.42 -8.19
N TRP A 130 -20.71 -0.87 -7.99
CA TRP A 130 -19.52 -1.31 -8.70
C TRP A 130 -18.34 -1.32 -7.74
N VAL A 131 -17.32 -2.10 -8.07
CA VAL A 131 -16.05 -2.04 -7.36
C VAL A 131 -14.97 -1.60 -8.34
N LEU A 132 -14.29 -0.51 -7.99
CA LEU A 132 -13.14 -0.04 -8.72
C LEU A 132 -11.90 -0.67 -8.12
N TYR A 133 -10.93 -1.01 -8.96
CA TYR A 133 -9.69 -1.60 -8.50
C TYR A 133 -8.52 -0.74 -8.95
N GLU A 134 -7.56 -0.59 -8.06
CA GLU A 134 -6.34 0.17 -8.34
C GLU A 134 -5.61 -0.38 -9.55
N LEU A 135 -5.54 -1.70 -9.69
CA LEU A 135 -4.71 -2.35 -10.71
C LEU A 135 -5.60 -3.14 -11.66
N SER A 136 -5.02 -3.49 -12.80
CA SER A 136 -5.71 -4.30 -13.78
C SER A 136 -6.06 -5.67 -13.22
N ASN A 137 -7.06 -6.30 -13.85
CA ASN A 137 -7.45 -7.68 -13.55
C ASN A 137 -7.91 -7.82 -12.10
N TYR A 138 -8.56 -6.77 -11.59
CA TYR A 138 -9.23 -6.76 -10.29
C TYR A 138 -8.26 -7.02 -9.15
N ARG A 139 -7.20 -6.23 -9.09
CA ARG A 139 -6.14 -6.37 -8.11
C ARG A 139 -5.89 -5.04 -7.42
N GLY A 140 -5.16 -5.09 -6.32
CA GLY A 140 -4.85 -3.89 -5.58
C GLY A 140 -6.03 -3.40 -4.77
N ARG A 141 -5.95 -2.12 -4.38
CA ARG A 141 -6.98 -1.56 -3.53
C ARG A 141 -8.33 -1.57 -4.25
N GLN A 142 -9.37 -1.83 -3.46
CA GLN A 142 -10.76 -1.85 -3.91
C GLN A 142 -11.50 -0.62 -3.40
N TYR A 143 -12.38 -0.07 -4.23
CA TYR A 143 -13.22 1.05 -3.83
C TYR A 143 -14.65 0.78 -4.27
N LEU A 144 -15.55 0.67 -3.30
CA LEU A 144 -16.97 0.49 -3.60
C LEU A 144 -17.61 1.77 -4.09
N LEU A 145 -18.38 1.66 -5.16
CA LEU A 145 -19.15 2.77 -5.73
C LEU A 145 -20.63 2.41 -5.73
N MET A 146 -21.46 3.31 -5.24
CA MET A 146 -22.92 3.11 -5.21
C MET A 146 -23.60 4.27 -5.90
N PRO A 147 -24.88 4.12 -6.27
CA PRO A 147 -25.55 5.14 -7.09
C PRO A 147 -25.44 6.54 -6.53
N GLY A 148 -25.01 7.46 -7.38
CA GLY A 148 -24.73 8.83 -7.02
C GLY A 148 -23.52 9.34 -7.78
N ASP A 149 -23.19 10.61 -7.56
CA ASP A 149 -22.12 11.37 -8.21
CA ASP A 149 -22.06 11.18 -8.27
C ASP A 149 -20.87 11.35 -7.34
N TYR A 150 -19.69 11.32 -7.96
CA TYR A 150 -18.39 11.36 -7.26
C TYR A 150 -17.51 12.37 -8.01
N ARG A 151 -17.40 13.58 -7.49
CA ARG A 151 -16.71 14.64 -8.21
C ARG A 151 -15.18 14.57 -8.14
N ARG A 152 -14.60 13.77 -7.25
CA ARG A 152 -13.17 13.66 -7.06
C ARG A 152 -12.85 12.31 -6.45
N TYR A 153 -11.62 11.83 -6.64
CA TYR A 153 -11.27 10.48 -6.20
C TYR A 153 -11.40 10.30 -4.69
N GLN A 154 -11.19 11.36 -3.92
CA GLN A 154 -11.35 11.24 -2.47
C GLN A 154 -12.76 10.83 -2.11
N ASP A 155 -13.74 11.14 -2.97
CA ASP A 155 -15.12 10.81 -2.66
C ASP A 155 -15.40 9.31 -2.69
N TRP A 156 -14.54 8.51 -3.33
CA TRP A 156 -14.66 7.06 -3.27
C TRP A 156 -13.65 6.41 -2.33
N GLY A 157 -13.01 7.18 -1.48
CA GLY A 157 -12.21 6.57 -0.44
C GLY A 157 -10.80 6.23 -0.83
N ALA A 158 -10.35 6.68 -1.99
CA ALA A 158 -9.01 6.40 -2.49
C ALA A 158 -8.07 7.52 -2.10
N THR A 159 -6.77 7.18 -2.05
CA THR A 159 -5.75 8.19 -1.80
C THR A 159 -5.07 8.67 -3.08
N ASP A 160 -5.42 8.10 -4.22
CA ASP A 160 -4.92 8.51 -5.52
C ASP A 160 -5.97 8.09 -6.54
N ALA A 161 -5.92 8.71 -7.70
CA ALA A 161 -6.91 8.48 -8.75
C ALA A 161 -6.59 7.29 -9.65
N ARG A 162 -5.55 6.50 -9.36
CA ARG A 162 -5.22 5.36 -10.20
C ARG A 162 -6.33 4.32 -10.17
N VAL A 163 -6.77 3.91 -11.34
CA VAL A 163 -7.69 2.81 -11.50
C VAL A 163 -7.21 1.97 -12.65
N GLY A 164 -7.32 0.65 -12.49
CA GLY A 164 -6.90 -0.28 -13.51
C GLY A 164 -8.02 -1.15 -14.04
N SER A 165 -9.09 -1.33 -13.26
CA SER A 165 -10.17 -2.21 -13.67
C SER A 165 -11.39 -1.89 -12.82
N LEU A 166 -12.54 -2.41 -13.25
CA LEU A 166 -13.77 -2.16 -12.52
C LEU A 166 -14.80 -3.21 -12.88
N ARG A 167 -15.58 -3.63 -11.90
CA ARG A 167 -16.57 -4.66 -12.11
C ARG A 167 -17.86 -4.33 -11.36
N ARG A 168 -18.94 -4.85 -11.92
CA ARG A 168 -20.26 -4.73 -11.33
C ARG A 168 -20.37 -5.60 -10.09
N VAL A 169 -21.08 -5.09 -9.09
CA VAL A 169 -21.46 -5.91 -7.94
C VAL A 169 -22.68 -6.75 -8.38
N ILE A 170 -22.44 -8.04 -8.59
CA ILE A 170 -23.46 -9.00 -8.96
C ILE A 170 -23.44 -10.17 -8.00
N ASP A 171 -24.60 -10.78 -7.83
CA ASP A 171 -24.74 -11.89 -6.89
C ASP A 171 -25.08 -13.19 -7.61
N PHE A 172 -24.32 -13.50 -8.66
CA PHE A 172 -24.47 -14.78 -9.36
C PHE A 172 -23.15 -15.21 -9.99
N GLY B 1 1.38 9.50 -3.11
CA GLY B 1 1.69 9.26 -1.67
C GLY B 1 1.47 10.51 -0.83
N LYS B 2 1.36 10.31 0.49
CA LYS B 2 1.17 11.43 1.40
C LYS B 2 1.71 11.00 2.76
N ILE B 3 2.61 11.82 3.31
CA ILE B 3 3.14 11.61 4.64
C ILE B 3 3.05 12.93 5.40
N THR B 4 2.81 12.84 6.69
CA THR B 4 2.88 14.00 7.57
C THR B 4 3.89 13.69 8.66
N LEU B 5 4.85 14.60 8.83
CA LEU B 5 5.93 14.46 9.78
C LEU B 5 5.78 15.47 10.89
N TYR B 6 5.98 15.02 12.13
CA TYR B 6 5.70 15.81 13.32
C TYR B 6 6.96 15.95 14.16
N GLU B 7 7.14 17.13 14.75
CA GLU B 7 8.32 17.39 15.59
C GLU B 7 8.31 16.53 16.84
N ASP B 8 7.15 16.37 17.47
CA ASP B 8 7.07 15.69 18.75
C ASP B 8 6.40 14.33 18.58
N ARG B 9 6.63 13.46 19.56
CA ARG B 9 6.03 12.13 19.52
C ARG B 9 4.52 12.26 19.59
N GLY B 10 3.84 11.20 19.16
CA GLY B 10 2.40 11.16 19.28
C GLY B 10 1.67 12.17 18.42
N PHE B 11 2.27 12.56 17.29
CA PHE B 11 1.63 13.43 16.30
C PHE B 11 1.36 14.83 16.82
N GLN B 12 2.20 15.31 17.73
CA GLN B 12 2.07 16.63 18.30
C GLN B 12 3.16 17.57 17.79
N GLY B 13 2.92 18.88 17.97
CA GLY B 13 3.88 19.89 17.60
C GLY B 13 3.79 20.30 16.14
N ARG B 14 4.79 21.09 15.74
CA ARG B 14 4.89 21.54 14.36
C ARG B 14 4.93 20.33 13.44
N HIS B 15 4.31 20.45 12.27
CA HIS B 15 4.26 19.33 11.33
C HIS B 15 4.34 19.82 9.90
N TYR B 16 4.59 18.87 9.00
CA TYR B 16 4.74 19.15 7.58
C TYR B 16 4.26 17.95 6.78
N GLU B 17 3.47 18.23 5.74
CA GLU B 17 2.91 17.21 4.85
C GLU B 17 3.63 17.25 3.50
N CYS B 18 4.06 16.07 3.03
CA CYS B 18 4.79 15.88 1.78
C CYS B 18 3.97 14.94 0.90
N SER B 19 3.91 15.23 -0.41
N SER B 19 3.94 15.20 -0.41
CA SER B 19 3.41 14.28 -1.40
CA SER B 19 3.42 14.23 -1.38
C SER B 19 4.40 14.11 -2.55
C SER B 19 4.44 13.92 -2.47
N SER B 20 5.67 14.41 -2.31
CA SER B 20 6.72 14.23 -3.31
C SER B 20 8.05 14.24 -2.55
N ASP B 21 9.13 13.90 -3.25
CA ASP B 21 10.46 13.98 -2.64
C ASP B 21 10.72 15.39 -2.14
N HIS B 22 11.34 15.49 -0.97
CA HIS B 22 11.78 16.78 -0.44
C HIS B 22 13.24 16.69 0.00
N PRO B 23 14.13 17.49 -0.59
CA PRO B 23 15.55 17.37 -0.22
C PRO B 23 15.96 18.16 1.03
N ASN B 24 15.10 19.04 1.57
CA ASN B 24 15.48 19.78 2.78
C ASN B 24 14.25 20.13 3.62
N LEU B 25 14.04 19.38 4.69
CA LEU B 25 12.90 19.61 5.57
C LEU B 25 13.19 20.60 6.69
N GLN B 26 14.44 21.06 6.83
CA GLN B 26 14.81 21.93 7.94
C GLN B 26 13.97 23.21 8.04
N PRO B 27 13.53 23.85 6.95
CA PRO B 27 12.69 25.05 7.11
C PRO B 27 11.36 24.78 7.77
N TYR B 28 10.93 23.51 7.84
CA TYR B 28 9.61 23.12 8.30
C TYR B 28 9.63 22.30 9.57
N LEU B 29 10.76 21.67 9.89
CA LEU B 29 10.87 20.78 11.04
C LEU B 29 12.26 20.89 11.64
N SER B 30 12.33 21.10 12.95
CA SER B 30 13.59 21.13 13.70
C SER B 30 14.03 19.74 14.15
N ARG B 31 13.13 18.77 14.08
CA ARG B 31 13.30 17.41 14.53
C ARG B 31 12.06 16.68 14.04
N CYS B 32 12.08 15.36 14.15
CA CYS B 32 10.94 14.56 13.71
C CYS B 32 10.83 13.33 14.60
N ASN B 33 9.75 13.24 15.37
CA ASN B 33 9.55 12.14 16.29
C ASN B 33 8.27 11.35 16.05
N SER B 34 7.49 11.68 15.01
CA SER B 34 6.37 10.84 14.65
C SER B 34 5.98 11.14 13.21
N ALA B 35 5.25 10.20 12.61
CA ALA B 35 4.88 10.31 11.22
C ALA B 35 3.56 9.59 11.00
N ARG B 36 2.71 10.18 10.17
CA ARG B 36 1.50 9.53 9.69
C ARG B 36 1.69 9.31 8.20
N VAL B 37 1.80 8.06 7.79
CA VAL B 37 1.90 7.72 6.37
C VAL B 37 0.49 7.40 5.90
N ASP B 38 -0.15 8.37 5.22
CA ASP B 38 -1.49 8.15 4.68
C ASP B 38 -1.44 7.22 3.47
N SER B 39 -0.39 7.31 2.67
CA SER B 39 -0.28 6.44 1.49
C SER B 39 1.13 6.52 0.95
N GLY B 40 1.50 5.48 0.22
CA GLY B 40 2.81 5.40 -0.39
C GLY B 40 3.84 4.76 0.52
N CYS B 41 4.98 4.45 -0.08
CA CYS B 41 6.15 3.98 0.63
C CYS B 41 7.20 5.07 0.57
N TRP B 42 7.82 5.33 1.72
CA TRP B 42 8.70 6.48 1.88
C TRP B 42 10.02 6.07 2.47
N MET B 43 11.06 6.81 2.10
CA MET B 43 12.36 6.70 2.73
C MET B 43 12.67 8.03 3.40
N LEU B 44 12.96 7.97 4.70
CA LEU B 44 13.41 9.15 5.45
C LEU B 44 14.92 9.11 5.57
N TYR B 45 15.53 10.29 5.45
CA TYR B 45 16.99 10.43 5.52
C TYR B 45 17.37 11.41 6.62
N GLU B 46 18.45 11.12 7.31
CA GLU B 46 18.92 11.92 8.43
C GLU B 46 19.47 13.27 7.98
N GLN B 47 20.08 13.33 6.80
CA GLN B 47 20.67 14.55 6.32
C GLN B 47 19.90 15.06 5.12
N PRO B 48 20.06 16.34 4.78
CA PRO B 48 19.43 16.85 3.56
C PRO B 48 19.99 16.15 2.34
N ASN B 49 19.27 16.27 1.23
CA ASN B 49 19.77 15.76 -0.06
C ASN B 49 19.96 14.24 -0.03
N TYR B 50 19.10 13.55 0.70
CA TYR B 50 18.97 12.09 0.62
C TYR B 50 20.28 11.41 1.02
N SER B 51 20.82 11.85 2.15
CA SER B 51 22.08 11.37 2.69
CA SER B 51 22.01 11.38 2.76
C SER B 51 21.91 10.98 4.15
N GLY B 52 22.92 10.29 4.68
CA GLY B 52 22.88 9.83 6.04
C GLY B 52 22.04 8.57 6.19
N LEU B 53 21.76 8.23 7.44
CA LEU B 53 21.01 7.01 7.70
C LEU B 53 19.61 7.11 7.12
N GLN B 54 19.12 5.98 6.62
CA GLN B 54 17.85 5.89 5.91
C GLN B 54 16.89 4.96 6.65
N TYR B 55 15.59 5.28 6.60
CA TYR B 55 14.55 4.44 7.21
C TYR B 55 13.36 4.35 6.28
N PHE B 56 12.90 3.11 6.07
CA PHE B 56 11.75 2.83 5.22
C PHE B 56 10.46 2.85 6.05
N LEU B 57 9.45 3.56 5.52
CA LEU B 57 8.11 3.63 6.11
C LEU B 57 7.06 3.26 5.08
N ARG B 58 6.00 2.62 5.56
CA ARG B 58 4.84 2.28 4.73
C ARG B 58 3.60 2.79 5.43
N ARG B 59 2.47 2.62 4.76
CA ARG B 59 1.20 3.15 5.24
C ARG B 59 1.00 2.76 6.70
N GLY B 60 0.62 3.74 7.50
CA GLY B 60 0.37 3.52 8.92
C GLY B 60 0.89 4.66 9.77
N ASP B 61 0.70 4.55 11.07
CA ASP B 61 0.98 5.63 12.00
C ASP B 61 2.17 5.24 12.87
N TYR B 62 3.15 6.12 12.92
CA TYR B 62 4.40 5.88 13.65
C TYR B 62 4.45 6.92 14.77
N ALA B 63 4.08 6.50 15.97
CA ALA B 63 3.92 7.46 17.07
C ALA B 63 5.25 7.86 17.69
N ASP B 64 6.33 7.16 17.37
CA ASP B 64 7.66 7.45 17.89
C ASP B 64 8.67 7.00 16.84
N HIS B 65 9.86 7.61 16.87
CA HIS B 65 10.89 7.30 15.87
C HIS B 65 11.31 5.84 15.93
N GLN B 66 11.23 5.20 17.10
CA GLN B 66 11.63 3.81 17.20
C GLN B 66 10.77 2.93 16.31
N GLN B 67 9.54 3.35 16.03
CA GLN B 67 8.65 2.53 15.23
C GLN B 67 9.10 2.39 13.78
N TRP B 68 9.92 3.31 13.27
CA TRP B 68 10.56 3.11 11.98
C TRP B 68 12.01 2.64 12.09
N MET B 69 12.41 2.19 13.26
CA MET B 69 13.75 1.64 13.53
CA MET B 69 13.74 1.65 13.55
C MET B 69 14.80 2.75 13.64
N GLY B 70 14.40 3.98 13.75
CA GLY B 70 15.35 5.07 13.93
C GLY B 70 15.92 5.10 15.34
N LEU B 71 17.11 5.70 15.44
CA LEU B 71 17.77 5.96 16.71
C LEU B 71 17.91 7.44 17.03
N SER B 72 17.34 8.30 16.19
CA SER B 72 17.41 9.74 16.45
C SER B 72 16.11 10.34 15.95
N ASP B 73 15.90 11.60 16.30
CA ASP B 73 14.81 12.39 15.73
C ASP B 73 15.29 13.37 14.68
N SER B 74 16.39 13.07 14.01
CA SER B 74 16.86 13.91 12.90
C SER B 74 16.37 13.32 11.57
N VAL B 75 15.46 14.02 10.92
CA VAL B 75 14.94 13.68 9.60
C VAL B 75 14.97 14.95 8.77
N ARG B 76 15.84 14.99 7.75
CA ARG B 76 16.06 16.20 6.99
C ARG B 76 15.76 16.09 5.49
N SER B 77 15.46 14.90 4.99
CA SER B 77 14.92 14.78 3.63
C SER B 77 14.11 13.49 3.56
N CYS B 78 13.31 13.38 2.51
CA CYS B 78 12.48 12.21 2.34
C CYS B 78 12.19 11.98 0.87
N ARG B 79 12.03 10.71 0.50
CA ARG B 79 11.72 10.31 -0.85
C ARG B 79 10.44 9.48 -0.84
N LEU B 80 9.58 9.77 -1.82
CA LEU B 80 8.44 8.93 -2.13
C LEU B 80 8.93 7.92 -3.15
N ILE B 81 8.79 6.63 -2.82
CA ILE B 81 9.33 5.57 -3.67
C ILE B 81 8.25 5.28 -4.72
N PRO B 82 8.57 5.36 -6.03
CA PRO B 82 7.53 5.18 -7.06
C PRO B 82 6.91 3.78 -7.06
N HIS B 83 5.75 3.65 -7.68
CA HIS B 83 5.12 2.35 -7.80
C HIS B 83 5.89 1.50 -8.81
N SER B 84 5.83 0.19 -8.64
CA SER B 84 6.46 -0.73 -9.58
C SER B 84 5.58 -1.96 -9.71
N GLY B 85 5.63 -2.62 -10.85
CA GLY B 85 4.83 -3.80 -11.07
C GLY B 85 5.57 -5.13 -11.03
N SER B 86 6.90 -5.10 -10.96
CA SER B 86 7.69 -6.31 -10.91
C SER B 86 9.01 -5.99 -10.25
N HIS B 87 9.76 -7.03 -9.87
CA HIS B 87 11.04 -6.84 -9.19
C HIS B 87 12.09 -7.80 -9.71
N ARG B 88 13.28 -7.27 -10.01
CA ARG B 88 14.41 -8.06 -10.50
C ARG B 88 15.68 -7.27 -10.19
N ILE B 89 16.65 -7.94 -9.55
CA ILE B 89 17.88 -7.29 -9.11
C ILE B 89 19.00 -8.31 -9.18
N ARG B 90 20.20 -7.84 -9.52
CA ARG B 90 21.40 -8.66 -9.58
C ARG B 90 22.41 -8.12 -8.57
N LEU B 91 22.90 -8.97 -7.67
CA LEU B 91 23.90 -8.58 -6.68
C LEU B 91 25.22 -9.26 -7.03
N TYR B 92 26.31 -8.51 -6.89
CA TYR B 92 27.64 -8.96 -7.31
C TYR B 92 28.67 -8.90 -6.18
N GLU B 93 29.53 -9.92 -6.16
CA GLU B 93 30.60 -10.02 -5.18
C GLU B 93 31.59 -8.86 -5.28
N ARG B 94 31.96 -8.46 -6.49
CA ARG B 94 33.00 -7.47 -6.70
C ARG B 94 32.44 -6.25 -7.43
N GLU B 95 33.20 -5.16 -7.36
CA GLU B 95 32.80 -3.92 -7.99
C GLU B 95 32.67 -4.13 -9.49
N ASP B 96 31.87 -3.27 -10.11
CA ASP B 96 31.74 -3.23 -11.57
C ASP B 96 31.17 -4.54 -12.13
N TYR B 97 30.27 -5.16 -11.38
CA TYR B 97 29.50 -6.31 -11.87
C TYR B 97 30.39 -7.52 -12.12
N ARG B 98 31.37 -7.74 -11.25
CA ARG B 98 32.29 -8.87 -11.35
C ARG B 98 32.11 -9.80 -10.17
N GLY B 99 32.77 -10.97 -10.25
CA GLY B 99 32.65 -11.98 -9.22
C GLY B 99 31.31 -12.71 -9.29
N GLN B 100 30.95 -13.38 -8.20
CA GLN B 100 29.70 -14.11 -8.15
C GLN B 100 28.52 -13.16 -8.28
N MET B 101 27.58 -13.52 -9.14
CA MET B 101 26.31 -12.81 -9.26
C MET B 101 25.18 -13.76 -8.90
N ILE B 102 24.18 -13.23 -8.19
CA ILE B 102 22.91 -13.90 -8.01
C ILE B 102 21.81 -12.91 -8.35
N GLU B 103 20.82 -13.38 -9.09
CA GLU B 103 19.66 -12.57 -9.48
C GLU B 103 18.50 -12.94 -8.58
N PHE B 104 17.83 -11.93 -8.05
CA PHE B 104 16.69 -12.14 -7.15
C PHE B 104 15.44 -11.52 -7.75
N THR B 105 14.32 -12.24 -7.62
CA THR B 105 13.00 -11.74 -7.93
C THR B 105 12.06 -11.81 -6.73
N GLU B 106 12.57 -12.24 -5.58
CA GLU B 106 11.85 -12.40 -4.33
CA GLU B 106 11.80 -12.28 -4.35
C GLU B 106 12.71 -11.82 -3.21
N ASP B 107 12.11 -11.61 -2.05
CA ASP B 107 12.87 -11.15 -0.88
C ASP B 107 13.89 -12.22 -0.48
N CYS B 108 14.93 -11.81 0.22
CA CYS B 108 15.93 -12.75 0.76
C CYS B 108 16.34 -12.27 2.15
N SER B 109 15.97 -13.02 3.17
CA SER B 109 16.26 -12.68 4.55
C SER B 109 17.68 -13.01 4.98
N CYS B 110 18.44 -13.76 4.17
CA CYS B 110 19.83 -14.05 4.54
C CYS B 110 20.67 -14.20 3.26
N LEU B 111 21.32 -13.11 2.86
CA LEU B 111 22.13 -13.12 1.65
C LEU B 111 23.31 -14.08 1.80
N GLN B 112 23.87 -14.22 3.01
CA GLN B 112 25.04 -15.07 3.11
C GLN B 112 24.70 -16.53 2.87
N ASP B 113 23.45 -16.93 3.15
CA ASP B 113 23.03 -18.30 2.84
C ASP B 113 23.22 -18.58 1.36
N ARG B 114 23.06 -17.55 0.53
CA ARG B 114 23.07 -17.71 -0.91
C ARG B 114 24.46 -17.48 -1.49
N PHE B 115 25.15 -16.42 -1.01
CA PHE B 115 26.46 -16.08 -1.55
C PHE B 115 27.59 -16.85 -0.87
N ARG B 116 27.38 -17.27 0.38
CA ARG B 116 28.40 -17.86 1.25
C ARG B 116 29.43 -16.85 1.74
N PHE B 117 29.16 -15.56 1.56
CA PHE B 117 29.95 -14.47 2.10
C PHE B 117 28.97 -13.32 2.29
N ASN B 118 29.38 -12.32 3.05
CA ASN B 118 28.46 -11.24 3.41
C ASN B 118 28.84 -9.85 2.92
N GLU B 119 29.77 -9.70 2.00
CA GLU B 119 30.04 -8.38 1.41
C GLU B 119 29.68 -8.45 -0.07
N ILE B 120 28.93 -7.45 -0.52
CA ILE B 120 28.49 -7.29 -1.89
C ILE B 120 28.98 -5.92 -2.34
N HIS B 121 29.70 -5.88 -3.46
CA HIS B 121 30.37 -4.67 -3.87
C HIS B 121 29.76 -3.97 -5.07
N SER B 122 28.77 -4.56 -5.74
CA SER B 122 28.02 -3.86 -6.77
C SER B 122 26.69 -4.57 -6.98
N LEU B 123 25.75 -3.87 -7.60
CA LEU B 123 24.44 -4.46 -7.90
C LEU B 123 23.76 -3.67 -9.00
N ASN B 124 22.85 -4.33 -9.69
CA ASN B 124 22.11 -3.75 -10.81
C ASN B 124 20.64 -3.99 -10.54
N VAL B 125 19.87 -2.90 -10.40
CA VAL B 125 18.44 -3.00 -10.19
C VAL B 125 17.74 -2.92 -11.54
N LEU B 126 17.23 -4.06 -12.02
CA LEU B 126 16.60 -4.10 -13.33
C LEU B 126 15.12 -3.70 -13.26
N GLU B 127 14.43 -4.09 -12.21
CA GLU B 127 13.01 -3.79 -12.07
C GLU B 127 12.67 -3.60 -10.59
N GLY B 128 11.83 -2.60 -10.32
CA GLY B 128 11.30 -2.38 -8.99
C GLY B 128 12.28 -1.71 -8.05
N SER B 129 11.75 -1.27 -6.91
CA SER B 129 12.56 -0.71 -5.84
C SER B 129 12.64 -1.71 -4.70
N TRP B 130 13.75 -1.62 -3.99
CA TRP B 130 14.12 -2.58 -2.97
C TRP B 130 14.79 -1.84 -1.83
N VAL B 131 14.81 -2.47 -0.66
CA VAL B 131 15.64 -2.00 0.46
C VAL B 131 16.66 -3.08 0.75
N LEU B 132 17.95 -2.71 0.69
CA LEU B 132 19.05 -3.55 1.08
C LEU B 132 19.37 -3.27 2.55
N TYR B 133 19.59 -4.32 3.32
CA TYR B 133 19.86 -4.18 4.75
C TYR B 133 21.25 -4.74 5.06
N GLU B 134 21.96 -4.06 5.98
CA GLU B 134 23.28 -4.46 6.41
C GLU B 134 23.29 -5.87 6.99
N LEU B 135 22.29 -6.22 7.77
CA LEU B 135 22.27 -7.46 8.52
C LEU B 135 21.10 -8.34 8.07
N SER B 136 21.19 -9.62 8.41
CA SER B 136 20.14 -10.56 8.07
CA SER B 136 20.08 -10.54 8.15
C SER B 136 18.83 -10.19 8.74
N ASN B 137 17.74 -10.69 8.15
CA ASN B 137 16.41 -10.57 8.72
C ASN B 137 16.00 -9.10 8.82
N TYR B 138 16.39 -8.32 7.82
CA TYR B 138 16.04 -6.91 7.68
C TYR B 138 16.39 -6.08 8.91
N ARG B 139 17.67 -6.12 9.26
CA ARG B 139 18.19 -5.42 10.41
C ARG B 139 19.40 -4.57 10.01
N GLY B 140 19.79 -3.66 10.87
CA GLY B 140 20.92 -2.80 10.61
C GLY B 140 20.63 -1.67 9.65
N ARG B 141 21.68 -1.10 9.08
CA ARG B 141 21.50 0.01 8.17
C ARG B 141 20.69 -0.39 6.96
N GLN B 142 19.85 0.54 6.51
CA GLN B 142 18.99 0.37 5.34
C GLN B 142 19.49 1.22 4.18
N TYR B 143 19.38 0.68 2.97
CA TYR B 143 19.75 1.41 1.77
C TYR B 143 18.69 1.22 0.70
N LEU B 144 18.06 2.32 0.30
CA LEU B 144 17.07 2.27 -0.76
C LEU B 144 17.75 2.06 -2.10
N LEU B 145 17.22 1.14 -2.89
CA LEU B 145 17.70 0.85 -4.24
C LEU B 145 16.54 1.03 -5.22
N MET B 146 16.77 1.79 -6.27
CA MET B 146 15.77 2.01 -7.30
C MET B 146 16.36 1.61 -8.66
N PRO B 147 15.52 1.37 -9.66
CA PRO B 147 16.04 0.86 -10.93
C PRO B 147 17.19 1.72 -11.43
N GLY B 148 18.28 1.05 -11.80
CA GLY B 148 19.50 1.74 -12.18
C GLY B 148 20.71 0.94 -11.76
N ASP B 149 21.87 1.48 -12.12
CA ASP B 149 23.15 0.81 -11.95
C ASP B 149 23.81 1.27 -10.65
N TYR B 150 24.42 0.32 -9.94
CA TYR B 150 25.20 0.62 -8.73
C TYR B 150 26.51 -0.16 -8.83
N ARG B 151 27.48 0.43 -9.53
CA ARG B 151 28.73 -0.25 -9.84
C ARG B 151 29.71 -0.29 -8.66
N ARG B 152 29.41 0.40 -7.55
CA ARG B 152 30.24 0.34 -6.35
C ARG B 152 29.29 0.51 -5.16
N TYR B 153 29.65 -0.08 -4.00
CA TYR B 153 28.78 -0.05 -2.82
C TYR B 153 28.54 1.37 -2.34
N GLN B 154 29.51 2.27 -2.56
CA GLN B 154 29.32 3.67 -2.19
C GLN B 154 28.12 4.27 -2.91
N ASP B 155 27.74 3.72 -4.06
CA ASP B 155 26.62 4.26 -4.84
C ASP B 155 25.27 4.04 -4.17
N TRP B 156 25.15 3.12 -3.22
CA TRP B 156 23.92 3.02 -2.44
C TRP B 156 24.04 3.61 -1.04
N GLY B 157 25.10 4.37 -0.76
CA GLY B 157 25.26 5.11 0.48
C GLY B 157 26.03 4.41 1.58
N ALA B 158 26.63 3.28 1.30
CA ALA B 158 27.35 2.54 2.33
C ALA B 158 28.82 2.93 2.38
N THR B 159 29.38 2.85 3.57
CA THR B 159 30.80 3.03 3.81
C THR B 159 31.51 1.70 4.00
N ASP B 160 30.76 0.60 3.96
CA ASP B 160 31.23 -0.75 4.27
C ASP B 160 30.33 -1.61 3.39
N ALA B 161 30.91 -2.58 2.69
CA ALA B 161 30.19 -3.43 1.72
C ALA B 161 29.38 -4.52 2.39
N ARG B 162 29.31 -4.50 3.72
CA ARG B 162 28.52 -5.49 4.44
C ARG B 162 27.06 -5.41 4.05
N VAL B 163 26.48 -6.57 3.73
CA VAL B 163 25.05 -6.70 3.46
C VAL B 163 24.57 -7.93 4.19
N GLY B 164 23.25 -8.02 4.33
CA GLY B 164 22.69 -9.18 4.99
C GLY B 164 21.33 -9.63 4.52
N SER B 165 20.51 -8.74 3.98
CA SER B 165 19.17 -9.11 3.56
C SER B 165 18.67 -8.09 2.56
N LEU B 166 17.57 -8.44 1.91
CA LEU B 166 17.12 -7.69 0.74
C LEU B 166 15.61 -7.88 0.61
N ARG B 167 14.89 -6.77 0.50
CA ARG B 167 13.43 -6.79 0.52
C ARG B 167 12.89 -5.96 -0.63
N ARG B 168 11.88 -6.50 -1.31
CA ARG B 168 11.18 -5.74 -2.34
C ARG B 168 10.31 -4.70 -1.68
N VAL B 169 10.29 -3.49 -2.25
CA VAL B 169 9.29 -2.48 -1.87
C VAL B 169 8.02 -2.79 -2.62
N ILE B 170 6.98 -3.19 -1.91
CA ILE B 170 5.66 -3.42 -2.49
C ILE B 170 4.73 -2.46 -1.77
N ASP B 171 3.91 -1.75 -2.54
CA ASP B 171 3.13 -0.62 -2.04
C ASP B 171 1.65 -0.99 -2.03
S SO4 C . 23.97 -11.26 10.33
O1 SO4 C . 25.34 -11.18 10.82
O2 SO4 C . 23.06 -10.80 11.37
O3 SO4 C . 23.66 -12.64 9.97
O4 SO4 C . 23.85 -10.38 9.17
#